data_3LBA
#
_entry.id   3LBA
#
_cell.length_a   83.500
_cell.length_b   83.500
_cell.length_c   127.760
_cell.angle_alpha   90.00
_cell.angle_beta   90.00
_cell.angle_gamma   120.00
#
_symmetry.space_group_name_H-M   'H 3'
#
loop_
_entity.id
_entity.type
_entity.pdbx_description
1 polymer 'Putative purine nucleoside phosphorylase'
2 non-polymer HYPOXANTHINE
3 non-polymer 'SULFATE ION'
4 water water
#
_entity_poly.entity_id   1
_entity_poly.type   'polypeptide(L)'
_entity_poly.pdbx_seq_one_letter_code
;MGSSHHHHHHSSGLVPRGSHMASMTGGQQMGRGSMSLLKKIYETRDFLTAKGVQKPEFGLILGSGLGELAEEIENALVLN
YADIPNWGRSTVSGHAGKLIYGELAGRKVLALQGRFHYYEGNSMELVTFPIRIMKALGCQGLIVTNAAGGIGFGPGTLMA
ISDHINLTGANPLMGENLDDFGFRFPDMSNAYTADYREVAHQVADKIGIKLDEGVYIGVSGPSYETPAEIRAFKTLGADA
VGMSTVPEVIVAVHSGLKVLGISAITNYAAGFQSELNHEEVVAVTQQIKEDFKGLVKAILVEL
;
_entity_poly.pdbx_strand_id   A
#
# COMPACT_ATOMS: atom_id res chain seq x y z
N MET A 35 -22.90 -6.88 12.61
CA MET A 35 -23.19 -7.11 11.17
C MET A 35 -22.29 -8.17 10.52
N SER A 36 -22.69 -8.54 9.31
CA SER A 36 -21.97 -9.48 8.48
C SER A 36 -20.43 -9.22 8.38
N LEU A 37 -20.07 -8.02 7.90
CA LEU A 37 -18.64 -7.68 7.70
C LEU A 37 -17.86 -7.81 8.99
N LEU A 38 -18.39 -7.23 10.06
CA LEU A 38 -17.70 -7.24 11.33
C LEU A 38 -17.45 -8.65 11.88
N LYS A 39 -18.45 -9.50 11.83
CA LYS A 39 -18.22 -10.88 12.24
C LYS A 39 -17.11 -11.56 11.41
N LYS A 40 -17.07 -11.36 10.06
CA LYS A 40 -15.94 -11.87 9.25
C LYS A 40 -14.62 -11.32 9.79
N ILE A 41 -14.59 -10.04 10.10
CA ILE A 41 -13.37 -9.37 10.49
C ILE A 41 -12.92 -10.14 11.71
N TYR A 42 -13.81 -10.29 12.69
CA TYR A 42 -13.46 -11.04 13.93
C TYR A 42 -13.13 -12.51 13.77
N GLU A 43 -13.83 -13.18 12.89
CA GLU A 43 -13.53 -14.54 12.65
C GLU A 43 -12.13 -14.66 12.03
N THR A 44 -11.81 -13.84 11.01
CA THR A 44 -10.52 -13.99 10.33
C THR A 44 -9.38 -13.61 11.30
N ARG A 45 -9.61 -12.58 12.14
CA ARG A 45 -8.65 -12.16 13.17
C ARG A 45 -8.33 -13.31 14.12
N ASP A 46 -9.36 -14.04 14.57
CA ASP A 46 -9.10 -15.17 15.53
C ASP A 46 -8.37 -16.27 14.83
N PHE A 47 -8.84 -16.61 13.65
CA PHE A 47 -8.08 -17.56 12.86
C PHE A 47 -6.61 -17.24 12.84
N LEU A 48 -6.26 -15.96 12.81
CA LEU A 48 -4.94 -15.66 12.39
C LEU A 48 -4.17 -15.70 13.67
N THR A 49 -4.78 -15.15 14.70
CA THR A 49 -4.27 -15.26 16.09
C THR A 49 -3.93 -16.73 16.44
N ALA A 50 -4.91 -17.59 16.27
CA ALA A 50 -4.70 -19.04 16.40
C ALA A 50 -3.60 -19.63 15.56
N LYS A 51 -3.32 -19.07 14.37
CA LYS A 51 -2.23 -19.61 13.54
C LYS A 51 -0.90 -19.12 14.04
N GLY A 52 -0.96 -18.15 14.94
CA GLY A 52 0.28 -17.74 15.59
C GLY A 52 0.56 -16.32 15.18
N VAL A 53 -0.41 -15.57 14.69
CA VAL A 53 -0.17 -14.16 14.37
C VAL A 53 -0.32 -13.28 15.61
N GLN A 54 0.77 -13.15 16.33
CA GLN A 54 0.78 -12.63 17.67
C GLN A 54 0.52 -11.17 17.92
N LYS A 55 1.49 -10.36 17.56
CA LYS A 55 1.43 -8.95 17.88
C LYS A 55 2.16 -8.18 16.79
N PRO A 56 1.65 -8.24 15.54
CA PRO A 56 2.26 -7.40 14.47
C PRO A 56 2.21 -5.93 14.87
N GLU A 57 3.28 -5.17 14.63
CA GLU A 57 3.27 -3.73 14.84
C GLU A 57 2.93 -3.07 13.47
N PHE A 58 3.50 -3.62 12.39
CA PHE A 58 3.37 -2.97 11.05
C PHE A 58 2.64 -3.76 10.00
N GLY A 59 1.67 -3.10 9.35
CA GLY A 59 1.15 -3.62 8.07
C GLY A 59 2.13 -3.34 6.93
N LEU A 60 2.33 -4.31 6.06
CA LEU A 60 3.29 -4.11 4.99
C LEU A 60 2.75 -4.57 3.64
N ILE A 61 2.34 -3.64 2.79
CA ILE A 61 1.85 -4.09 1.50
C ILE A 61 2.89 -3.89 0.40
N LEU A 62 3.40 -5.01 -0.15
CA LEU A 62 4.53 -4.96 -1.05
C LEU A 62 4.01 -4.99 -2.46
N GLY A 63 4.11 -3.88 -3.18
CA GLY A 63 3.57 -3.86 -4.52
C GLY A 63 4.60 -4.23 -5.55
N SER A 64 4.13 -4.65 -6.73
CA SER A 64 4.96 -4.95 -7.90
C SER A 64 6.44 -4.93 -7.62
N GLY A 65 7.01 -6.12 -7.47
CA GLY A 65 8.44 -6.32 -7.24
C GLY A 65 9.01 -5.64 -6.01
N LEU A 66 8.29 -5.75 -4.89
CA LEU A 66 8.93 -5.68 -3.57
C LEU A 66 8.49 -6.94 -2.94
N GLY A 67 7.87 -7.80 -3.75
CA GLY A 67 7.42 -9.11 -3.28
C GLY A 67 8.55 -9.88 -2.62
N GLU A 68 9.73 -9.80 -3.23
CA GLU A 68 10.91 -10.54 -2.77
C GLU A 68 11.28 -10.33 -1.30
N LEU A 69 11.13 -9.08 -0.87
CA LEU A 69 11.44 -8.69 0.49
C LEU A 69 10.72 -9.51 1.57
N ALA A 70 9.69 -10.22 1.17
CA ALA A 70 9.02 -11.12 2.09
C ALA A 70 9.89 -12.36 2.41
N GLU A 71 10.85 -12.66 1.51
CA GLU A 71 12.00 -13.57 1.72
C GLU A 71 12.72 -13.37 3.01
N GLU A 72 13.03 -12.12 3.28
CA GLU A 72 13.94 -11.80 4.37
C GLU A 72 13.24 -11.71 5.69
N ILE A 73 11.99 -12.21 5.74
CA ILE A 73 11.25 -12.16 7.01
C ILE A 73 11.59 -13.34 7.91
N GLU A 74 11.88 -13.06 9.17
CA GLU A 74 12.35 -14.11 10.10
C GLU A 74 11.25 -14.86 10.90
N ASN A 75 11.50 -16.16 11.11
CA ASN A 75 10.50 -17.07 11.71
C ASN A 75 9.12 -16.86 11.07
N ALA A 76 9.12 -16.81 9.74
CA ALA A 76 7.94 -16.45 8.96
C ALA A 76 6.78 -17.46 9.03
N LEU A 77 5.61 -17.01 9.49
CA LEU A 77 4.33 -17.68 9.23
C LEU A 77 3.85 -17.27 7.82
N VAL A 78 3.75 -18.25 6.93
CA VAL A 78 3.45 -17.97 5.53
C VAL A 78 2.12 -18.60 5.17
N LEU A 79 1.09 -17.80 4.84
CA LEU A 79 -0.21 -18.40 4.46
C LEU A 79 -0.72 -18.06 3.07
N ASN A 80 -1.22 -19.04 2.35
CA ASN A 80 -1.76 -18.74 1.05
C ASN A 80 -3.11 -18.03 1.26
N TYR A 81 -3.42 -17.09 0.37
CA TYR A 81 -4.62 -16.27 0.45
C TYR A 81 -5.83 -17.21 0.46
N ALA A 82 -5.75 -18.28 -0.33
CA ALA A 82 -6.87 -19.23 -0.53
C ALA A 82 -7.21 -20.02 0.72
N ASP A 83 -6.31 -20.05 1.70
CA ASP A 83 -6.51 -20.80 2.92
C ASP A 83 -7.00 -19.95 4.08
N ILE A 84 -7.23 -18.65 3.82
CA ILE A 84 -7.61 -17.71 4.86
C ILE A 84 -9.10 -17.49 4.79
N PRO A 85 -9.79 -17.77 5.88
CA PRO A 85 -11.21 -17.72 5.68
C PRO A 85 -11.61 -16.26 5.54
N ASN A 86 -12.62 -16.05 4.69
CA ASN A 86 -13.21 -14.69 4.47
C ASN A 86 -12.26 -13.86 3.58
N TRP A 87 -11.24 -14.47 2.99
CA TRP A 87 -10.20 -13.68 2.33
C TRP A 87 -10.20 -14.19 0.90
N GLY A 88 -9.58 -15.35 0.71
CA GLY A 88 -9.67 -16.09 -0.54
C GLY A 88 -8.64 -15.57 -1.55
N ARG A 89 -8.58 -16.25 -2.71
CA ARG A 89 -7.58 -15.96 -3.77
C ARG A 89 -7.78 -14.64 -4.51
N SER A 90 -6.98 -13.63 -4.15
CA SER A 90 -6.86 -12.39 -4.95
C SER A 90 -7.15 -12.59 -6.45
N GLY A 97 -0.18 -15.46 -4.21
CA GLY A 97 -0.80 -14.43 -3.34
C GLY A 97 -0.64 -14.93 -1.90
N LYS A 98 0.23 -14.29 -1.13
CA LYS A 98 0.49 -14.74 0.26
C LYS A 98 0.45 -13.66 1.35
N LEU A 99 0.07 -14.07 2.58
CA LEU A 99 0.18 -13.27 3.76
C LEU A 99 1.31 -13.81 4.66
N ILE A 100 2.20 -12.95 5.14
CA ILE A 100 3.43 -13.41 5.85
C ILE A 100 3.75 -12.60 7.08
N TYR A 101 3.77 -13.32 8.23
CA TYR A 101 4.05 -12.76 9.55
C TYR A 101 5.40 -13.27 10.09
N GLY A 102 6.13 -12.37 10.72
CA GLY A 102 7.34 -12.73 11.43
C GLY A 102 8.14 -11.45 11.62
N GLU A 103 9.45 -11.58 11.78
CA GLU A 103 10.26 -10.40 12.04
C GLU A 103 11.04 -9.88 10.82
N LEU A 104 11.04 -8.55 10.66
CA LEU A 104 11.80 -7.94 9.56
C LEU A 104 12.40 -6.70 10.15
N ALA A 105 13.69 -6.51 9.91
CA ALA A 105 14.38 -5.33 10.39
C ALA A 105 14.13 -5.06 11.89
N GLY A 106 13.88 -6.14 12.66
CA GLY A 106 13.68 -5.99 14.10
C GLY A 106 12.26 -5.70 14.54
N ARG A 107 11.32 -5.58 13.60
CA ARG A 107 9.92 -5.29 13.97
C ARG A 107 8.93 -6.41 13.66
N LYS A 108 7.79 -6.44 14.35
CA LYS A 108 6.73 -7.37 13.94
C LYS A 108 5.96 -6.80 12.76
N VAL A 109 5.97 -7.54 11.66
CA VAL A 109 5.27 -7.10 10.49
C VAL A 109 4.23 -8.12 10.03
N LEU A 110 3.14 -7.62 9.46
CA LEU A 110 2.19 -8.42 8.75
C LEU A 110 2.19 -7.98 7.26
N ALA A 111 2.84 -8.78 6.43
CA ALA A 111 3.11 -8.43 5.07
C ALA A 111 2.17 -9.13 4.13
N LEU A 112 1.68 -8.39 3.15
CA LEU A 112 0.96 -8.94 2.00
C LEU A 112 1.86 -8.93 0.80
N GLN A 113 2.11 -10.12 0.26
CA GLN A 113 2.94 -10.23 -0.93
C GLN A 113 2.06 -10.63 -2.10
N GLY A 114 1.71 -9.75 -3.00
CA GLY A 114 0.62 -10.12 -3.89
C GLY A 114 -0.51 -9.48 -3.08
N ARG A 115 -1.30 -8.64 -3.75
CA ARG A 115 -2.35 -7.87 -3.08
C ARG A 115 -3.60 -7.93 -3.99
N PHE A 116 -4.79 -7.84 -3.39
CA PHE A 116 -6.04 -7.64 -4.10
C PHE A 116 -6.06 -6.35 -4.95
N HIS A 117 -6.51 -6.50 -6.19
CA HIS A 117 -6.71 -5.35 -7.08
C HIS A 117 -8.13 -5.22 -7.49
N TYR A 118 -8.65 -4.03 -7.26
CA TYR A 118 -9.89 -3.65 -7.74
C TYR A 118 -10.08 -3.96 -9.23
N TYR A 119 -9.09 -3.75 -10.09
CA TYR A 119 -9.37 -4.00 -11.51
C TYR A 119 -9.59 -5.48 -11.81
N GLU A 120 -9.26 -6.36 -10.86
CA GLU A 120 -9.38 -7.83 -11.11
C GLU A 120 -10.78 -8.21 -10.82
N GLY A 121 -11.60 -7.21 -10.48
CA GLY A 121 -13.01 -7.46 -10.19
C GLY A 121 -13.23 -7.73 -8.69
N ASN A 122 -12.22 -7.49 -7.84
CA ASN A 122 -12.43 -7.61 -6.42
C ASN A 122 -13.17 -6.36 -6.00
N SER A 123 -14.24 -6.51 -5.23
CA SER A 123 -14.97 -5.39 -4.67
C SER A 123 -14.01 -4.57 -3.79
N MET A 124 -14.47 -3.44 -3.27
CA MET A 124 -13.65 -2.64 -2.42
C MET A 124 -13.60 -3.10 -0.96
N GLU A 125 -14.62 -3.82 -0.55
CA GLU A 125 -14.65 -4.41 0.75
C GLU A 125 -13.53 -5.47 0.86
N LEU A 126 -13.44 -6.35 -0.12
CA LEU A 126 -12.40 -7.35 -0.16
C LEU A 126 -11.00 -6.76 -0.34
N VAL A 127 -10.86 -5.68 -1.12
CA VAL A 127 -9.52 -5.07 -1.28
C VAL A 127 -8.98 -4.53 0.05
N THR A 128 -9.86 -4.00 0.86
CA THR A 128 -9.42 -3.32 2.06
C THR A 128 -9.58 -4.24 3.30
N PHE A 129 -10.08 -5.46 3.07
CA PHE A 129 -10.28 -6.40 4.22
C PHE A 129 -8.96 -6.73 4.90
N PRO A 130 -7.89 -6.96 4.12
CA PRO A 130 -6.62 -7.09 4.88
C PRO A 130 -6.26 -5.87 5.82
N ILE A 131 -6.76 -4.66 5.53
CA ILE A 131 -6.43 -3.49 6.31
C ILE A 131 -7.21 -3.47 7.62
N ARG A 132 -8.48 -3.87 7.53
CA ARG A 132 -9.30 -4.11 8.70
C ARG A 132 -8.63 -5.15 9.61
N ILE A 133 -8.20 -6.28 9.03
CA ILE A 133 -7.47 -7.33 9.76
C ILE A 133 -6.17 -6.81 10.45
N MET A 134 -5.36 -6.00 9.74
CA MET A 134 -4.14 -5.43 10.36
C MET A 134 -4.44 -4.56 11.56
N LYS A 135 -5.48 -3.74 11.46
CA LYS A 135 -5.89 -2.97 12.63
C LYS A 135 -6.42 -3.83 13.82
N ALA A 136 -7.33 -4.75 13.52
CA ALA A 136 -7.94 -5.63 14.47
C ALA A 136 -6.90 -6.54 15.08
N LEU A 137 -5.83 -6.80 14.37
CA LEU A 137 -4.74 -7.56 14.96
C LEU A 137 -3.74 -6.69 15.79
N GLY A 138 -4.08 -5.42 16.02
CA GLY A 138 -3.16 -4.50 16.71
C GLY A 138 -2.08 -3.72 15.95
N CYS A 139 -1.94 -3.88 14.63
CA CYS A 139 -0.97 -3.07 13.89
C CYS A 139 -1.11 -1.59 14.26
N GLN A 140 0.00 -0.86 14.27
CA GLN A 140 -0.06 0.56 14.62
C GLN A 140 -0.01 1.43 13.33
N GLY A 141 0.59 0.90 12.29
CA GLY A 141 0.83 1.66 11.09
C GLY A 141 0.92 0.73 9.89
N LEU A 142 0.74 1.29 8.70
CA LEU A 142 0.79 0.57 7.44
C LEU A 142 1.84 1.17 6.59
N ILE A 143 2.64 0.31 5.98
CA ILE A 143 3.52 0.73 4.93
C ILE A 143 3.03 0.15 3.64
N VAL A 144 2.64 1.01 2.70
CA VAL A 144 2.05 0.51 1.47
C VAL A 144 2.94 0.99 0.35
N THR A 145 3.49 0.06 -0.43
CA THR A 145 4.26 0.42 -1.58
C THR A 145 3.53 0.06 -2.86
N ASN A 146 3.94 0.70 -3.96
CA ASN A 146 3.33 0.36 -5.23
C ASN A 146 4.22 0.73 -6.41
N ALA A 147 3.84 0.36 -7.63
CA ALA A 147 4.52 0.88 -8.82
C ALA A 147 3.61 1.93 -9.49
N ALA A 148 4.17 3.07 -9.87
CA ALA A 148 3.36 4.16 -10.39
C ALA A 148 3.91 4.71 -11.76
N GLY A 149 3.11 5.35 -12.58
CA GLY A 149 3.66 6.07 -13.74
C GLY A 149 3.94 7.52 -13.36
N GLY A 150 5.05 8.06 -13.89
CA GLY A 150 5.58 9.35 -13.42
C GLY A 150 5.03 10.52 -14.16
N ILE A 151 4.49 11.50 -13.42
CA ILE A 151 4.05 12.70 -14.11
C ILE A 151 5.02 13.86 -13.77
N GLY A 152 5.34 13.96 -12.50
CA GLY A 152 6.22 15.03 -12.00
C GLY A 152 7.59 14.45 -11.71
N PHE A 153 7.78 13.13 -11.96
CA PHE A 153 9.07 12.43 -11.60
C PHE A 153 9.25 11.45 -12.69
N GLY A 154 10.47 10.90 -12.83
CA GLY A 154 10.82 10.04 -13.93
C GLY A 154 11.20 8.65 -13.45
N PRO A 155 11.34 7.73 -14.40
CA PRO A 155 11.59 6.30 -14.15
C PRO A 155 12.75 6.01 -13.20
N GLY A 156 12.67 5.01 -12.32
CA GLY A 156 13.73 4.83 -11.36
C GLY A 156 13.60 5.63 -10.06
N THR A 157 12.83 6.70 -10.05
CA THR A 157 12.59 7.48 -8.84
C THR A 157 11.86 6.66 -7.81
N LEU A 158 11.98 7.06 -6.55
CA LEU A 158 11.14 6.56 -5.47
C LEU A 158 10.46 7.74 -4.83
N MET A 159 9.15 7.66 -4.75
CA MET A 159 8.42 8.81 -4.40
C MET A 159 7.65 8.53 -3.16
N ALA A 160 8.07 9.12 -2.06
CA ALA A 160 7.27 9.09 -0.86
C ALA A 160 5.95 9.78 -1.31
N ILE A 161 4.82 9.25 -0.86
CA ILE A 161 3.49 9.82 -1.20
C ILE A 161 3.10 10.77 -0.12
N SER A 162 2.88 12.05 -0.48
CA SER A 162 2.42 13.07 0.48
C SER A 162 0.91 13.26 0.55
N ASP A 163 0.19 12.85 -0.50
CA ASP A 163 -1.26 12.94 -0.45
C ASP A 163 -1.77 12.14 -1.62
N HIS A 164 -3.09 11.91 -1.67
CA HIS A 164 -3.59 11.23 -2.87
C HIS A 164 -4.80 11.84 -3.43
N ILE A 165 -5.13 11.44 -4.62
CA ILE A 165 -6.40 11.87 -5.21
C ILE A 165 -7.12 10.59 -5.59
N ASN A 166 -8.35 10.46 -5.10
CA ASN A 166 -9.08 9.22 -5.39
C ASN A 166 -9.90 9.44 -6.64
N LEU A 167 -9.44 8.89 -7.74
CA LEU A 167 -10.15 8.88 -8.97
C LEU A 167 -10.58 7.43 -9.37
N THR A 168 -10.84 6.58 -8.38
CA THR A 168 -11.13 5.22 -8.74
C THR A 168 -12.58 5.03 -9.19
N GLY A 169 -13.47 5.97 -8.89
CA GLY A 169 -14.85 5.77 -9.14
C GLY A 169 -15.59 5.29 -7.88
N ALA A 170 -14.88 4.94 -6.82
CA ALA A 170 -15.53 4.33 -5.66
C ALA A 170 -14.86 4.74 -4.38
N ASN A 171 -15.56 4.58 -3.26
CA ASN A 171 -15.02 4.87 -1.99
C ASN A 171 -15.33 3.66 -1.07
N PRO A 172 -14.25 3.01 -0.56
CA PRO A 172 -14.37 1.77 0.22
C PRO A 172 -15.14 1.82 1.51
N LEU A 173 -15.54 3.00 2.00
CA LEU A 173 -16.32 3.13 3.22
C LEU A 173 -17.85 3.27 2.96
N MET A 174 -18.25 3.19 1.71
CA MET A 174 -19.69 3.28 1.40
C MET A 174 -20.40 2.13 2.07
N GLY A 175 -21.58 2.34 2.67
CA GLY A 175 -22.29 1.27 3.40
C GLY A 175 -22.38 1.79 4.81
N GLU A 176 -22.91 0.98 5.70
CA GLU A 176 -23.00 1.33 7.12
C GLU A 176 -21.62 1.57 7.71
N ASN A 177 -21.45 2.61 8.53
CA ASN A 177 -20.20 2.82 9.20
C ASN A 177 -19.77 1.60 10.10
N LEU A 178 -18.49 1.24 10.12
CA LEU A 178 -18.05 0.24 11.08
C LEU A 178 -17.63 0.91 12.37
N ASP A 179 -18.60 1.25 13.21
CA ASP A 179 -18.31 1.99 14.45
C ASP A 179 -17.20 1.39 15.26
N ASP A 180 -17.07 0.07 15.31
CA ASP A 180 -16.01 -0.44 16.12
C ASP A 180 -14.68 0.07 15.63
N PHE A 181 -14.63 0.57 14.36
CA PHE A 181 -13.34 0.93 13.75
C PHE A 181 -13.11 2.45 13.69
N GLY A 182 -14.15 3.24 13.54
CA GLY A 182 -13.90 4.64 13.30
C GLY A 182 -15.19 5.39 13.08
N PHE A 183 -15.06 6.69 12.90
CA PHE A 183 -16.18 7.55 12.63
C PHE A 183 -16.73 7.46 11.24
N ARG A 184 -17.98 7.92 11.14
CA ARG A 184 -18.74 7.96 9.91
C ARG A 184 -18.03 8.76 8.80
N PHE A 185 -17.51 9.93 9.19
CA PHE A 185 -16.86 10.93 8.29
C PHE A 185 -15.39 11.22 8.66
N PRO A 186 -14.45 10.30 8.38
CA PRO A 186 -13.06 10.49 8.82
C PRO A 186 -12.31 11.60 8.07
N ASP A 187 -11.53 12.34 8.86
CA ASP A 187 -10.58 13.37 8.40
C ASP A 187 -9.45 12.71 7.62
N MET A 188 -9.25 13.16 6.38
CA MET A 188 -8.13 12.70 5.56
C MET A 188 -6.98 13.74 5.59
N SER A 189 -7.11 14.76 6.44
CA SER A 189 -6.03 15.82 6.44
C SER A 189 -4.65 15.24 6.60
N ASN A 190 -4.55 14.14 7.32
CA ASN A 190 -3.22 13.64 7.63
C ASN A 190 -3.06 12.17 7.23
N ALA A 191 -3.70 11.76 6.15
CA ALA A 191 -3.65 10.38 5.73
C ALA A 191 -2.22 9.85 5.67
N TYR A 192 -1.33 10.47 4.90
CA TYR A 192 0.03 9.95 4.81
C TYR A 192 0.89 10.58 5.91
N THR A 193 0.76 10.01 7.11
CA THR A 193 1.24 10.53 8.40
C THR A 193 2.50 11.35 8.28
N ALA A 194 2.40 12.66 8.53
CA ALA A 194 3.58 13.49 8.33
C ALA A 194 4.79 13.01 9.20
N ASP A 195 4.58 12.45 10.42
CA ASP A 195 5.74 11.97 11.18
C ASP A 195 6.47 10.85 10.44
N TYR A 196 5.72 9.89 9.90
CA TYR A 196 6.32 8.82 9.09
C TYR A 196 7.09 9.33 7.92
N ARG A 197 6.57 10.37 7.30
CA ARG A 197 7.19 10.94 6.13
C ARG A 197 8.59 11.55 6.45
N GLU A 198 8.66 12.35 7.49
CA GLU A 198 9.93 12.89 8.03
C GLU A 198 10.96 11.76 8.31
N VAL A 199 10.52 10.70 9.00
CA VAL A 199 11.37 9.51 9.22
C VAL A 199 11.91 8.92 7.93
N ALA A 200 11.04 8.80 6.91
CA ALA A 200 11.51 8.26 5.61
C ALA A 200 12.63 9.08 4.91
N HIS A 201 12.54 10.41 4.98
CA HIS A 201 13.47 11.31 4.29
C HIS A 201 14.78 11.33 5.10
N GLN A 202 14.67 11.21 6.40
CA GLN A 202 15.88 11.12 7.20
C GLN A 202 16.64 9.85 6.91
N VAL A 203 15.95 8.73 6.98
CA VAL A 203 16.57 7.48 6.64
C VAL A 203 17.14 7.54 5.23
N ALA A 204 16.40 8.10 4.26
CA ALA A 204 16.93 8.08 2.87
C ALA A 204 18.24 8.89 2.75
N ASP A 205 18.27 10.06 3.35
CA ASP A 205 19.48 10.87 3.34
C ASP A 205 20.64 10.10 4.02
N LYS A 206 20.44 9.73 5.29
CA LYS A 206 21.42 9.03 6.08
C LYS A 206 21.97 7.76 5.42
N ILE A 207 21.19 7.09 4.58
CA ILE A 207 21.75 5.93 3.82
C ILE A 207 22.09 6.25 2.37
N GLY A 208 21.99 7.53 1.99
CA GLY A 208 22.23 8.00 0.62
C GLY A 208 21.36 7.49 -0.54
N ILE A 209 20.10 7.09 -0.27
CA ILE A 209 19.14 6.85 -1.39
C ILE A 209 18.32 8.11 -1.62
N LYS A 210 18.29 8.58 -2.87
CA LYS A 210 17.38 9.66 -3.30
C LYS A 210 15.86 9.36 -3.07
N LEU A 211 15.21 10.07 -2.17
CA LEU A 211 13.78 9.81 -1.94
C LEU A 211 12.97 11.02 -2.32
N ASP A 212 12.23 10.99 -3.42
CA ASP A 212 11.38 12.13 -3.77
C ASP A 212 10.04 12.11 -3.03
N GLU A 213 9.17 13.05 -3.37
CA GLU A 213 7.90 13.20 -2.63
C GLU A 213 6.84 13.92 -3.46
N GLY A 214 5.64 13.39 -3.44
CA GLY A 214 4.62 13.95 -4.31
C GLY A 214 3.23 13.33 -4.13
N VAL A 215 2.33 13.66 -5.04
CA VAL A 215 0.92 13.32 -4.88
C VAL A 215 0.60 12.17 -5.82
N TYR A 216 0.07 11.06 -5.29
CA TYR A 216 -0.41 9.88 -6.12
C TYR A 216 -1.89 9.99 -6.48
N ILE A 217 -2.23 9.78 -7.74
CA ILE A 217 -3.63 9.73 -8.09
C ILE A 217 -3.98 8.26 -8.38
N GLY A 218 -4.94 7.74 -7.60
CA GLY A 218 -5.43 6.37 -7.82
C GLY A 218 -6.53 6.29 -8.87
N VAL A 219 -6.34 5.43 -9.88
CA VAL A 219 -7.43 5.19 -10.80
C VAL A 219 -7.81 3.68 -10.69
N SER A 220 -8.84 3.26 -11.40
CA SER A 220 -9.28 1.87 -11.31
C SER A 220 -8.36 0.95 -12.06
N GLY A 221 -7.88 1.35 -13.25
CA GLY A 221 -7.29 0.34 -14.16
C GLY A 221 -8.39 -0.44 -14.89
N PRO A 222 -8.00 -1.48 -15.68
CA PRO A 222 -6.60 -1.92 -15.79
C PRO A 222 -5.95 -1.38 -17.03
N SER A 223 -6.67 -0.65 -17.89
CA SER A 223 -5.95 -0.09 -19.06
C SER A 223 -5.02 1.04 -18.55
N TYR A 224 -3.84 1.23 -19.13
CA TYR A 224 -3.07 2.47 -18.88
C TYR A 224 -3.77 3.72 -19.41
N GLU A 225 -3.43 4.90 -18.90
CA GLU A 225 -4.13 6.16 -19.28
C GLU A 225 -3.85 6.65 -20.72
N THR A 226 -4.79 7.38 -21.33
CA THR A 226 -4.40 8.04 -22.57
C THR A 226 -3.46 9.21 -22.18
N PRO A 227 -2.68 9.70 -23.13
CA PRO A 227 -1.95 10.93 -22.93
C PRO A 227 -2.87 12.12 -22.48
N ALA A 228 -4.11 12.24 -23.01
CA ALA A 228 -5.03 13.33 -22.62
C ALA A 228 -5.46 13.17 -21.17
N GLU A 229 -5.65 11.93 -20.71
CA GLU A 229 -6.04 11.71 -19.34
C GLU A 229 -4.86 12.17 -18.47
N ILE A 230 -3.64 11.81 -18.92
CA ILE A 230 -2.44 12.22 -18.13
C ILE A 230 -2.31 13.76 -18.07
N ARG A 231 -2.59 14.46 -19.18
CA ARG A 231 -2.62 15.94 -19.09
C ARG A 231 -3.63 16.53 -18.07
N ALA A 232 -4.84 15.95 -17.99
CA ALA A 232 -5.83 16.35 -16.98
C ALA A 232 -5.34 16.01 -15.55
N PHE A 233 -4.65 14.89 -15.37
CA PHE A 233 -4.29 14.50 -14.02
C PHE A 233 -3.23 15.47 -13.56
N LYS A 234 -2.35 15.84 -14.48
CA LYS A 234 -1.33 16.92 -14.18
C LYS A 234 -1.92 18.22 -13.80
N THR A 235 -2.84 18.68 -14.60
CA THR A 235 -3.65 19.84 -14.20
C THR A 235 -4.28 19.71 -12.76
N LEU A 236 -4.66 18.48 -12.36
CA LEU A 236 -5.35 18.28 -11.07
C LEU A 236 -4.36 18.10 -9.99
N GLY A 237 -3.07 18.20 -10.37
CA GLY A 237 -1.98 18.28 -9.37
C GLY A 237 -1.35 16.89 -9.13
N ALA A 238 -1.56 15.92 -9.97
CA ALA A 238 -0.95 14.62 -9.61
C ALA A 238 0.51 14.54 -10.02
N ASP A 239 1.37 13.86 -9.23
CA ASP A 239 2.78 13.60 -9.61
C ASP A 239 3.05 12.20 -10.08
N ALA A 240 2.13 11.31 -9.76
CA ALA A 240 2.25 9.94 -10.15
C ALA A 240 0.88 9.34 -10.11
N VAL A 241 0.72 8.28 -10.92
CA VAL A 241 -0.56 7.61 -11.15
C VAL A 241 -0.40 6.07 -11.09
N GLY A 242 -1.19 5.41 -10.25
CA GLY A 242 -1.33 3.99 -10.40
C GLY A 242 -2.74 3.42 -10.04
N MET A 243 -2.73 2.10 -9.94
CA MET A 243 -3.89 1.28 -9.86
C MET A 243 -4.22 0.68 -8.50
N SER A 244 -3.67 1.20 -7.43
CA SER A 244 -3.95 0.68 -6.12
C SER A 244 -3.97 1.75 -5.06
N THR A 245 -3.78 1.30 -3.83
CA THR A 245 -3.37 2.11 -2.69
C THR A 245 -4.40 3.02 -2.09
N VAL A 246 -5.06 3.83 -2.89
CA VAL A 246 -6.04 4.76 -2.43
C VAL A 246 -7.09 4.14 -1.52
N PRO A 247 -7.76 3.11 -1.98
CA PRO A 247 -8.82 2.53 -1.09
C PRO A 247 -8.28 1.99 0.23
N GLU A 248 -7.17 1.23 0.18
CA GLU A 248 -6.50 0.73 1.40
C GLU A 248 -6.16 1.83 2.42
N VAL A 249 -5.59 2.92 1.88
CA VAL A 249 -5.28 4.13 2.64
C VAL A 249 -6.48 4.78 3.26
N ILE A 250 -7.55 4.91 2.50
CA ILE A 250 -8.82 5.37 3.12
C ILE A 250 -9.25 4.55 4.31
N VAL A 251 -9.23 3.22 4.18
CA VAL A 251 -9.69 2.32 5.26
C VAL A 251 -8.67 2.38 6.43
N ALA A 252 -7.41 2.54 6.05
CA ALA A 252 -6.34 2.64 7.04
C ALA A 252 -6.66 3.87 7.83
N VAL A 253 -6.94 4.98 7.18
CA VAL A 253 -7.24 6.16 7.95
C VAL A 253 -8.47 5.95 8.83
N HIS A 254 -9.52 5.44 8.22
CA HIS A 254 -10.71 5.25 8.99
C HIS A 254 -10.39 4.39 10.25
N SER A 255 -9.63 3.32 10.07
CA SER A 255 -9.24 2.46 11.19
C SER A 255 -8.26 3.12 12.18
N GLY A 256 -7.79 4.34 11.89
CA GLY A 256 -6.88 4.95 12.87
C GLY A 256 -5.43 4.49 12.76
N LEU A 257 -5.09 3.76 11.68
CA LEU A 257 -3.72 3.35 11.38
C LEU A 257 -2.91 4.49 10.79
N LYS A 258 -1.74 4.76 11.35
CA LYS A 258 -0.82 5.65 10.64
C LYS A 258 -0.40 4.94 9.39
N VAL A 259 0.06 5.69 8.41
CA VAL A 259 0.33 5.18 7.05
C VAL A 259 1.56 5.86 6.46
N LEU A 260 2.40 5.04 5.81
CA LEU A 260 3.53 5.46 4.98
C LEU A 260 3.33 4.88 3.56
N GLY A 261 3.45 5.71 2.53
CA GLY A 261 3.29 5.15 1.17
C GLY A 261 4.43 5.58 0.28
N ILE A 262 4.90 4.66 -0.54
CA ILE A 262 6.00 4.97 -1.38
C ILE A 262 5.73 4.34 -2.71
N SER A 263 5.83 5.13 -3.78
CA SER A 263 5.76 4.60 -5.13
C SER A 263 7.13 4.48 -5.78
N ALA A 264 7.37 3.35 -6.41
CA ALA A 264 8.49 3.26 -7.27
C ALA A 264 7.97 3.75 -8.61
N ILE A 265 8.53 4.80 -9.18
CA ILE A 265 8.18 5.15 -10.54
C ILE A 265 8.92 4.35 -11.58
N THR A 266 8.11 3.60 -12.33
CA THR A 266 8.62 2.59 -13.22
C THR A 266 8.60 3.06 -14.67
N ASN A 267 8.04 4.23 -14.93
CA ASN A 267 7.95 4.71 -16.32
C ASN A 267 7.34 6.13 -16.34
N TYR A 268 7.60 6.90 -17.38
CA TYR A 268 6.95 8.18 -17.57
C TYR A 268 5.51 7.82 -17.96
N ALA A 269 4.56 8.56 -17.38
CA ALA A 269 3.16 8.38 -17.72
C ALA A 269 2.96 8.55 -19.27
N ALA A 270 1.86 8.00 -19.79
CA ALA A 270 1.43 8.18 -21.20
C ALA A 270 1.53 9.66 -21.62
N GLY A 271 2.14 9.88 -22.78
CA GLY A 271 2.31 11.21 -23.31
C GLY A 271 3.70 11.78 -23.13
N PHE A 272 4.40 11.30 -22.10
CA PHE A 272 5.71 11.79 -21.70
C PHE A 272 6.82 10.95 -22.31
N GLN A 273 6.41 9.83 -22.89
CA GLN A 273 7.20 8.99 -23.78
C GLN A 273 6.18 8.62 -24.86
N SER A 274 6.49 7.71 -25.76
CA SER A 274 5.51 7.49 -26.81
C SER A 274 4.75 6.13 -26.76
N GLU A 275 5.25 5.17 -25.98
CA GLU A 275 4.54 3.91 -25.71
C GLU A 275 4.71 3.50 -24.25
N LEU A 276 3.85 2.59 -23.76
CA LEU A 276 4.05 1.95 -22.45
C LEU A 276 4.21 0.40 -22.55
N ASN A 277 5.40 -0.12 -22.27
CA ASN A 277 5.63 -1.59 -22.24
C ASN A 277 5.45 -2.19 -20.84
N VAL A 281 7.99 -4.22 -19.89
CA VAL A 281 9.26 -3.48 -19.87
C VAL A 281 9.29 -2.30 -18.86
N VAL A 282 8.21 -2.24 -18.09
CA VAL A 282 8.14 -1.62 -16.79
C VAL A 282 8.91 -2.60 -15.89
N ALA A 283 10.25 -2.58 -16.05
CA ALA A 283 11.24 -3.54 -15.47
C ALA A 283 12.45 -2.70 -15.01
N VAL A 284 12.25 -1.39 -15.03
CA VAL A 284 13.06 -0.53 -14.18
C VAL A 284 12.66 -0.96 -12.75
N THR A 285 11.70 -1.86 -12.67
CA THR A 285 11.25 -2.35 -11.38
C THR A 285 12.40 -3.17 -10.81
N GLN A 286 13.05 -3.93 -11.69
CA GLN A 286 14.19 -4.72 -11.28
C GLN A 286 15.38 -3.87 -10.87
N GLN A 287 15.70 -2.82 -11.63
CA GLN A 287 16.89 -2.03 -11.33
C GLN A 287 16.70 -1.18 -10.10
N ILE A 288 15.50 -1.20 -9.55
CA ILE A 288 15.24 -0.31 -8.43
C ILE A 288 15.06 -1.16 -7.18
N LYS A 289 14.87 -2.45 -7.44
CA LYS A 289 14.60 -3.49 -6.44
C LYS A 289 15.44 -3.36 -5.17
N GLU A 290 16.73 -3.13 -5.34
CA GLU A 290 17.65 -3.25 -4.22
C GLU A 290 17.66 -2.01 -3.39
N ASP A 291 17.52 -0.86 -4.03
CA ASP A 291 17.40 0.39 -3.26
C ASP A 291 16.15 0.41 -2.37
N PHE A 292 15.01 -0.01 -2.92
CA PHE A 292 13.70 0.01 -2.21
C PHE A 292 13.72 -0.91 -1.00
N LYS A 293 14.15 -2.14 -1.26
CA LYS A 293 14.41 -3.10 -0.16
C LYS A 293 15.20 -2.52 1.01
N GLY A 294 16.34 -1.88 0.73
CA GLY A 294 17.20 -1.39 1.85
C GLY A 294 16.52 -0.21 2.50
N LEU A 295 15.78 0.56 1.69
CA LEU A 295 15.10 1.75 2.21
C LEU A 295 13.97 1.33 3.15
N VAL A 296 13.21 0.31 2.76
CA VAL A 296 12.05 0.00 3.55
C VAL A 296 12.57 -0.61 4.84
N LYS A 297 13.59 -1.46 4.71
CA LYS A 297 14.22 -2.09 5.87
C LYS A 297 14.71 -1.05 6.86
N ALA A 298 15.45 -0.07 6.35
CA ALA A 298 16.02 0.89 7.26
C ALA A 298 14.96 1.84 7.77
N ILE A 299 13.84 1.96 7.07
CA ILE A 299 12.74 2.74 7.62
C ILE A 299 12.05 1.97 8.78
N LEU A 300 11.86 0.67 8.57
CA LEU A 300 11.20 -0.17 9.55
C LEU A 300 11.84 0.00 10.91
N VAL A 301 13.18 0.02 10.94
CA VAL A 301 13.95 0.29 12.17
C VAL A 301 13.52 1.56 12.90
N GLU A 302 13.10 2.59 12.20
CA GLU A 302 13.01 3.92 12.83
C GLU A 302 11.60 4.44 13.14
N LEU A 303 10.56 3.77 12.64
CA LEU A 303 9.17 4.26 12.79
C LEU A 303 8.62 4.10 14.20
#